data_8Z33
#
_entry.id   8Z33
#
_cell.length_a   40.816
_cell.length_b   88.747
_cell.length_c   70.762
_cell.angle_alpha   90.00
_cell.angle_beta   96.35
_cell.angle_gamma   90.00
#
_symmetry.space_group_name_H-M   'P 1 21 1'
#
loop_
_entity.id
_entity.type
_entity.pdbx_description
1 polymer 'Egl nine homolog 1'
2 non-polymer 'FE (II) ION'
3 non-polymer 'FLUORIDE ION'
4 non-polymer '2-[[6-[2-(4-fluorophenyl)ethyl]-2-methyl-5-oxidanyl-pyrimidin-4-yl]carbonylamino]ethanoic acid'
5 water water
#
_entity_poly.entity_id   1
_entity_poly.type   'polypeptide(L)'
_entity_poly.pdbx_seq_one_letter_code
;MAHHHHHHLPALKLALEYIVPCMNKHGICVVDDFLGKETGQQIGDEVRALHDTGKFTDGQLVSQKSDSSKDIRGDKITWI
EGKEPGCETIGLLMSSMDDLIRHCNGKLGSYKINGRTKAMVACYPGNGTGYVRHVDNPNGDGRCVTCIYYLNKDWDAKVS
GGILRIFPEGKAQFADIEPKFDRLLFFWSDRRNPHEVQPAYATRYAITVWYFDADERARAKVKYLTGEKGVRVELNKPSD
SVGKDVF
;
_entity_poly.pdbx_strand_id   A,B
#
loop_
_chem_comp.id
_chem_comp.type
_chem_comp.name
_chem_comp.formula
A1L0W non-polymer '2-[[6-[2-(4-fluorophenyl)ethyl]-2-methyl-5-oxidanyl-pyrimidin-4-yl]carbonylamino]ethanoic acid' 'C16 H16 F N3 O4'
F non-polymer 'FLUORIDE ION' 'F -1'
FE2 non-polymer 'FE (II) ION' 'Fe 2'
#
# COMPACT_ATOMS: atom_id res chain seq x y z
N LEU A 9 27.78 -3.63 24.77
CA LEU A 9 26.47 -3.69 24.07
C LEU A 9 25.58 -2.54 24.53
N PRO A 10 26.12 -1.31 24.67
CA PRO A 10 25.39 -0.21 25.32
C PRO A 10 24.53 0.55 24.30
N ALA A 11 23.43 -0.10 23.89
CA ALA A 11 22.54 0.42 22.87
C ALA A 11 21.88 1.72 23.33
N LEU A 12 21.53 1.80 24.62
CA LEU A 12 20.87 2.98 25.16
C LEU A 12 21.79 4.19 25.06
N LYS A 13 23.08 3.99 25.34
CA LYS A 13 24.09 5.04 25.23
C LYS A 13 24.32 5.39 23.76
N LEU A 14 24.40 4.37 22.91
CA LEU A 14 24.61 4.62 21.48
C LEU A 14 23.45 5.47 20.95
N ALA A 15 22.22 5.13 21.34
CA ALA A 15 21.04 5.79 20.82
C ALA A 15 20.98 7.24 21.30
N LEU A 16 21.02 7.43 22.63
CA LEU A 16 20.79 8.74 23.24
C LEU A 16 21.98 9.67 23.02
N GLU A 17 23.19 9.11 23.02
CA GLU A 17 24.38 9.95 23.04
C GLU A 17 25.02 10.05 21.65
N TYR A 18 24.53 9.27 20.68
CA TYR A 18 25.12 9.31 19.35
C TYR A 18 24.05 9.43 18.27
N ILE A 19 23.19 8.40 18.16
CA ILE A 19 22.24 8.34 17.07
C ILE A 19 21.30 9.56 17.14
N VAL A 20 20.72 9.80 18.31
CA VAL A 20 19.77 10.90 18.49
C VAL A 20 20.43 12.23 18.10
N PRO A 21 21.50 12.70 18.79
CA PRO A 21 22.07 14.02 18.49
C PRO A 21 22.56 14.10 17.05
N CYS A 22 23.03 12.97 16.51
CA CYS A 22 23.61 12.90 15.18
C CYS A 22 22.51 13.14 14.13
N MET A 23 21.33 12.58 14.40
CA MET A 23 20.20 12.67 13.49
C MET A 23 19.58 14.08 13.56
N ASN A 24 19.53 14.63 14.77
CA ASN A 24 18.94 15.95 14.97
C ASN A 24 19.82 17.03 14.37
N LYS A 25 21.11 16.74 14.23
CA LYS A 25 22.08 17.72 13.78
C LYS A 25 22.30 17.63 12.27
N HIS A 26 22.38 16.40 11.74
CA HIS A 26 22.80 16.19 10.37
C HIS A 26 21.73 15.49 9.55
N GLY A 27 20.85 14.74 10.22
CA GLY A 27 19.84 13.96 9.55
C GLY A 27 20.42 12.71 8.89
N ILE A 28 21.65 12.37 9.28
CA ILE A 28 22.38 11.20 8.80
C ILE A 28 23.24 10.68 9.95
N CYS A 29 23.26 9.35 10.14
CA CYS A 29 24.07 8.77 11.19
C CYS A 29 24.60 7.41 10.74
N VAL A 30 25.92 7.22 10.88
CA VAL A 30 26.61 6.00 10.48
C VAL A 30 27.06 5.26 11.73
N VAL A 31 26.74 3.96 11.80
CA VAL A 31 27.19 3.09 12.88
C VAL A 31 27.95 1.91 12.26
N ASP A 32 29.27 1.89 12.48
CA ASP A 32 30.14 0.86 11.93
C ASP A 32 30.18 -0.36 12.84
N ASP A 33 30.49 -1.52 12.26
CA ASP A 33 30.71 -2.77 12.97
C ASP A 33 29.53 -3.06 13.89
N PHE A 34 28.31 -3.07 13.32
CA PHE A 34 27.09 -3.10 14.09
C PHE A 34 26.89 -4.44 14.79
N LEU A 35 27.09 -5.55 14.06
CA LEU A 35 26.73 -6.86 14.56
C LEU A 35 27.93 -7.79 14.66
N GLY A 36 29.09 -7.37 14.12
CA GLY A 36 30.27 -8.21 14.14
C GLY A 36 30.36 -9.13 12.91
N LYS A 37 31.59 -9.59 12.61
CA LYS A 37 31.92 -10.31 11.40
C LYS A 37 31.05 -11.55 11.20
N GLU A 38 30.91 -12.35 12.27
CA GLU A 38 30.26 -13.64 12.20
C GLU A 38 28.79 -13.48 11.83
N THR A 39 28.14 -12.50 12.46
CA THR A 39 26.72 -12.23 12.23
C THR A 39 26.51 -11.67 10.83
N GLY A 40 27.41 -10.76 10.43
CA GLY A 40 27.34 -10.10 9.13
C GLY A 40 27.46 -11.09 7.98
N GLN A 41 28.34 -12.09 8.16
CA GLN A 41 28.58 -13.11 7.15
C GLN A 41 27.41 -14.08 7.07
N GLN A 42 26.79 -14.35 8.23
CA GLN A 42 25.58 -15.15 8.30
C GLN A 42 24.47 -14.50 7.47
N ILE A 43 24.33 -13.18 7.60
CA ILE A 43 23.35 -12.40 6.86
C ILE A 43 23.66 -12.50 5.37
N GLY A 44 24.95 -12.43 5.03
CA GLY A 44 25.41 -12.53 3.65
C GLY A 44 24.95 -13.83 2.99
N ASP A 45 25.02 -14.92 3.76
CA ASP A 45 24.68 -16.25 3.27
C ASP A 45 23.17 -16.38 3.10
N GLU A 46 22.41 -15.81 4.05
CA GLU A 46 20.96 -15.84 4.01
C GLU A 46 20.47 -15.05 2.80
N VAL A 47 21.12 -13.91 2.53
CA VAL A 47 20.74 -13.00 1.48
C VAL A 47 21.06 -13.62 0.12
N ARG A 48 22.24 -14.26 0.00
CA ARG A 48 22.62 -14.91 -1.25
C ARG A 48 21.72 -16.12 -1.50
N ALA A 49 21.21 -16.73 -0.42
CA ALA A 49 20.34 -17.89 -0.51
C ALA A 49 18.95 -17.50 -1.03
N LEU A 50 18.58 -16.22 -0.86
CA LEU A 50 17.27 -15.75 -1.30
C LEU A 50 17.14 -15.89 -2.81
N HIS A 51 18.29 -15.91 -3.50
CA HIS A 51 18.31 -16.04 -4.95
C HIS A 51 17.75 -17.40 -5.38
N ASP A 52 18.08 -18.46 -4.62
CA ASP A 52 17.78 -19.81 -5.04
C ASP A 52 16.30 -20.14 -4.82
N THR A 53 15.59 -19.25 -4.10
CA THR A 53 14.15 -19.40 -3.92
C THR A 53 13.43 -18.67 -5.04
N GLY A 54 14.19 -17.86 -5.79
CA GLY A 54 13.64 -17.03 -6.86
C GLY A 54 12.82 -15.87 -6.29
N LYS A 55 13.24 -15.37 -5.13
CA LYS A 55 12.52 -14.33 -4.41
C LYS A 55 12.74 -12.98 -5.08
N PHE A 56 13.91 -12.79 -5.69
CA PHE A 56 14.28 -11.54 -6.32
C PHE A 56 13.51 -11.37 -7.64
N THR A 57 12.86 -10.21 -7.78
CA THR A 57 12.08 -9.89 -8.96
C THR A 57 12.84 -8.84 -9.80
N LYS A 76 17.46 -5.70 -8.40
CA LYS A 76 16.46 -6.72 -7.99
C LYS A 76 16.21 -6.60 -6.49
N ILE A 77 14.94 -6.70 -6.09
CA ILE A 77 14.55 -6.52 -4.70
C ILE A 77 13.67 -7.69 -4.25
N THR A 78 13.62 -7.90 -2.93
CA THR A 78 12.68 -8.82 -2.30
C THR A 78 12.35 -8.28 -0.91
N TRP A 79 11.16 -8.63 -0.40
CA TRP A 79 10.75 -8.17 0.91
C TRP A 79 10.69 -9.35 1.87
N ILE A 80 11.32 -9.17 3.04
CA ILE A 80 11.52 -10.22 4.04
C ILE A 80 10.90 -9.74 5.36
N GLU A 81 10.13 -10.63 5.99
CA GLU A 81 9.46 -10.33 7.25
C GLU A 81 10.40 -10.64 8.41
N GLY A 82 11.24 -11.66 8.25
CA GLY A 82 12.25 -12.00 9.24
C GLY A 82 11.98 -13.34 9.91
N LYS A 83 10.74 -13.86 9.75
CA LYS A 83 10.31 -15.08 10.40
C LYS A 83 10.51 -16.28 9.48
N GLU A 84 10.75 -16.00 8.18
CA GLU A 84 10.89 -17.01 7.15
C GLU A 84 12.03 -17.98 7.49
N PRO A 85 11.86 -19.30 7.21
CA PRO A 85 12.97 -20.25 7.30
C PRO A 85 14.14 -19.80 6.42
N GLY A 86 15.34 -19.78 7.03
CA GLY A 86 16.56 -19.40 6.35
C GLY A 86 16.80 -17.89 6.36
N CYS A 87 16.00 -17.16 7.16
CA CYS A 87 16.08 -15.70 7.20
C CYS A 87 16.17 -15.18 8.63
N GLU A 88 16.51 -16.06 9.58
CA GLU A 88 16.39 -15.73 10.99
C GLU A 88 17.49 -14.77 11.45
N THR A 89 18.66 -14.81 10.80
CA THR A 89 19.72 -13.87 11.11
C THR A 89 19.32 -12.46 10.64
N ILE A 90 18.61 -12.40 9.51
CA ILE A 90 18.03 -11.15 9.04
C ILE A 90 17.05 -10.63 10.10
N GLY A 91 16.28 -11.55 10.69
CA GLY A 91 15.33 -11.22 11.74
C GLY A 91 16.02 -10.65 12.97
N LEU A 92 17.23 -11.16 13.24
CA LEU A 92 18.06 -10.69 14.34
C LEU A 92 18.43 -9.23 14.08
N LEU A 93 18.88 -8.95 12.85
CA LEU A 93 19.27 -7.62 12.44
C LEU A 93 18.11 -6.65 12.62
N MET A 94 16.93 -7.08 12.17
CA MET A 94 15.73 -6.26 12.21
C MET A 94 15.37 -5.95 13.67
N SER A 95 15.53 -6.97 14.52
CA SER A 95 15.26 -6.89 15.95
C SER A 95 16.19 -5.87 16.59
N SER A 96 17.47 -5.91 16.19
CA SER A 96 18.48 -5.00 16.72
C SER A 96 18.17 -3.56 16.30
N MET A 97 17.87 -3.38 15.01
CA MET A 97 17.44 -2.11 14.45
C MET A 97 16.30 -1.53 15.30
N ASP A 98 15.30 -2.37 15.56
CA ASP A 98 14.11 -1.98 16.31
C ASP A 98 14.50 -1.48 17.71
N ASP A 99 15.47 -2.16 18.33
CA ASP A 99 15.92 -1.81 19.67
C ASP A 99 16.42 -0.37 19.70
N LEU A 100 17.30 -0.03 18.75
CA LEU A 100 17.90 1.30 18.72
C LEU A 100 16.81 2.36 18.61
N ILE A 101 15.85 2.10 17.71
CA ILE A 101 14.74 3.01 17.47
C ILE A 101 13.92 3.14 18.75
N ARG A 102 13.67 2.02 19.42
CA ARG A 102 12.87 1.98 20.64
C ARG A 102 13.51 2.84 21.72
N HIS A 103 14.84 2.78 21.82
CA HIS A 103 15.61 3.49 22.83
C HIS A 103 15.70 4.98 22.51
N CYS A 104 15.46 5.35 21.25
CA CYS A 104 15.47 6.73 20.82
C CYS A 104 14.16 7.41 21.22
N ASN A 105 13.08 6.63 21.19
CA ASN A 105 11.70 7.08 20.99
C ASN A 105 11.45 8.43 21.66
N GLY A 106 10.95 9.38 20.85
CA GLY A 106 10.51 10.69 21.31
C GLY A 106 11.57 11.76 21.09
N LYS A 107 12.75 11.35 20.62
CA LYS A 107 13.89 12.26 20.54
C LYS A 107 14.32 12.46 19.09
N LEU A 108 13.93 11.55 18.20
CA LEU A 108 14.14 11.73 16.77
C LEU A 108 13.10 12.72 16.26
N GLY A 109 13.53 13.98 16.06
CA GLY A 109 12.66 15.07 15.69
C GLY A 109 11.45 15.17 16.62
N SER A 110 10.26 15.37 16.04
CA SER A 110 9.02 15.27 16.77
C SER A 110 8.19 14.09 16.26
N TYR A 111 8.88 13.09 15.70
CA TYR A 111 8.25 11.88 15.21
C TYR A 111 7.89 10.95 16.37
N LYS A 112 6.81 10.18 16.18
CA LYS A 112 6.46 9.11 17.10
C LYS A 112 6.34 7.81 16.31
N ILE A 113 7.37 6.97 16.43
CA ILE A 113 7.49 5.75 15.65
C ILE A 113 6.61 4.67 16.29
N ASN A 114 5.61 4.22 15.52
CA ASN A 114 4.66 3.23 15.98
C ASN A 114 4.78 1.94 15.17
N GLY A 115 5.65 1.96 14.15
CA GLY A 115 5.85 0.78 13.34
C GLY A 115 6.87 0.99 12.23
N ARG A 116 7.03 -0.05 11.40
CA ARG A 116 8.00 -0.04 10.31
C ARG A 116 7.47 -0.89 9.17
N THR A 117 8.17 -0.82 8.03
CA THR A 117 7.96 -1.71 6.90
C THR A 117 8.65 -3.03 7.21
N LYS A 118 8.42 -4.04 6.36
CA LYS A 118 9.26 -5.21 6.30
C LYS A 118 10.61 -4.81 5.72
N ALA A 119 11.59 -5.71 5.81
CA ALA A 119 12.92 -5.44 5.29
C ALA A 119 12.94 -5.62 3.78
N MET A 120 13.47 -4.62 3.08
CA MET A 120 13.67 -4.72 1.65
C MET A 120 15.12 -5.10 1.38
N VAL A 121 15.32 -6.26 0.74
CA VAL A 121 16.65 -6.73 0.38
C VAL A 121 16.89 -6.33 -1.07
N ALA A 122 17.94 -5.55 -1.31
CA ALA A 122 18.27 -5.09 -2.65
C ALA A 122 19.57 -5.72 -3.12
N CYS A 123 19.59 -6.12 -4.39
CA CYS A 123 20.78 -6.61 -5.04
C CYS A 123 21.06 -5.77 -6.28
N TYR A 124 22.23 -5.13 -6.30
CA TYR A 124 22.75 -4.48 -7.50
C TYR A 124 23.74 -5.43 -8.15
N PRO A 125 23.39 -6.02 -9.32
CA PRO A 125 24.19 -7.11 -9.91
C PRO A 125 25.68 -6.81 -10.06
N GLY A 126 26.02 -5.57 -10.40
CA GLY A 126 27.40 -5.15 -10.45
C GLY A 126 27.95 -5.10 -11.88
N ASN A 127 27.13 -4.59 -12.79
CA ASN A 127 27.52 -4.36 -14.17
C ASN A 127 27.36 -2.88 -14.49
N GLY A 128 27.75 -2.03 -13.52
CA GLY A 128 27.62 -0.59 -13.66
C GLY A 128 26.22 -0.09 -13.28
N THR A 129 25.44 -0.95 -12.60
CA THR A 129 24.08 -0.60 -12.21
C THR A 129 24.10 0.13 -10.87
N GLY A 130 23.53 1.33 -10.87
CA GLY A 130 23.28 2.09 -9.65
C GLY A 130 21.80 2.36 -9.45
N TYR A 131 21.48 3.55 -8.92
CA TYR A 131 20.12 3.96 -8.69
C TYR A 131 20.06 5.49 -8.73
N VAL A 132 19.13 6.02 -9.53
CA VAL A 132 19.02 7.44 -9.81
C VAL A 132 18.66 8.19 -8.53
N ARG A 133 18.97 9.50 -8.52
CA ARG A 133 18.67 10.36 -7.40
C ARG A 133 17.16 10.37 -7.18
N HIS A 134 16.76 10.28 -5.91
CA HIS A 134 15.35 10.18 -5.54
C HIS A 134 15.20 10.52 -4.07
N VAL A 135 13.96 10.84 -3.68
CA VAL A 135 13.56 10.95 -2.29
C VAL A 135 12.70 9.72 -1.96
N ASP A 136 13.04 9.03 -0.86
CA ASP A 136 12.31 7.85 -0.44
C ASP A 136 10.83 8.16 -0.27
N ASN A 137 10.53 9.18 0.55
CA ASN A 137 9.16 9.53 0.86
C ASN A 137 8.93 11.00 0.49
N PRO A 138 8.67 11.30 -0.80
CA PRO A 138 8.42 12.68 -1.23
C PRO A 138 7.01 13.22 -0.95
N ASN A 139 6.04 12.33 -0.76
CA ASN A 139 4.64 12.75 -0.75
C ASN A 139 3.93 12.34 0.53
N GLY A 140 4.70 11.92 1.54
CA GLY A 140 4.18 11.66 2.86
C GLY A 140 3.36 10.36 2.93
N ASP A 141 4.03 9.21 2.83
CA ASP A 141 3.37 7.93 2.97
C ASP A 141 3.55 7.37 4.38
N GLY A 142 4.15 8.18 5.28
CA GLY A 142 4.25 7.83 6.69
C GLY A 142 5.68 7.56 7.16
N ARG A 143 6.57 7.23 6.21
CA ARG A 143 7.94 6.84 6.51
C ARG A 143 8.77 8.06 6.87
N CYS A 144 9.44 8.02 8.03
CA CYS A 144 10.19 9.17 8.53
C CYS A 144 11.69 8.88 8.64
N VAL A 145 12.05 7.61 8.90
CA VAL A 145 13.45 7.23 9.02
C VAL A 145 13.75 6.04 8.13
N THR A 146 14.84 6.15 7.35
CA THR A 146 15.37 5.08 6.54
C THR A 146 16.55 4.44 7.28
N CYS A 147 16.56 3.10 7.31
CA CYS A 147 17.58 2.37 8.04
C CYS A 147 18.17 1.30 7.12
N ILE A 148 19.47 1.44 6.79
CA ILE A 148 20.12 0.56 5.84
C ILE A 148 21.26 -0.20 6.52
N TYR A 149 21.32 -1.51 6.28
CA TYR A 149 22.45 -2.33 6.68
C TYR A 149 23.15 -2.87 5.45
N TYR A 150 24.48 -2.76 5.42
CA TYR A 150 25.28 -3.25 4.31
C TYR A 150 26.04 -4.50 4.74
N LEU A 151 26.12 -5.49 3.85
CA LEU A 151 26.67 -6.79 4.19
C LEU A 151 27.73 -7.22 3.18
N ASN A 152 28.38 -6.25 2.53
CA ASN A 152 29.30 -6.55 1.45
C ASN A 152 30.71 -6.75 2.01
N LYS A 153 31.08 -8.02 2.20
CA LYS A 153 32.33 -8.42 2.82
C LYS A 153 33.50 -7.97 1.95
N ASP A 154 34.50 -7.33 2.58
CA ASP A 154 35.72 -6.86 1.96
C ASP A 154 35.43 -5.94 0.77
N TRP A 155 34.35 -5.14 0.89
CA TRP A 155 34.03 -4.18 -0.15
C TRP A 155 35.06 -3.07 -0.17
N ASP A 156 35.54 -2.75 -1.38
CA ASP A 156 36.44 -1.64 -1.61
C ASP A 156 35.83 -0.74 -2.68
N ALA A 157 35.39 0.46 -2.28
CA ALA A 157 34.67 1.37 -3.14
C ALA A 157 35.60 1.99 -4.19
N LYS A 158 36.90 1.89 -3.97
CA LYS A 158 37.90 2.28 -4.96
C LYS A 158 37.76 1.41 -6.20
N VAL A 159 37.39 0.14 -5.99
CA VAL A 159 37.37 -0.86 -7.05
C VAL A 159 35.93 -1.10 -7.51
N SER A 160 35.01 -1.20 -6.54
CA SER A 160 33.70 -1.76 -6.81
C SER A 160 32.61 -0.68 -6.83
N GLY A 161 32.98 0.55 -6.45
CA GLY A 161 32.06 1.68 -6.45
C GLY A 161 30.91 1.49 -5.46
N GLY A 162 29.68 1.78 -5.93
CA GLY A 162 28.47 1.52 -5.19
C GLY A 162 28.25 2.48 -4.02
N ILE A 163 28.95 3.62 -4.04
CA ILE A 163 28.84 4.62 -3.00
C ILE A 163 27.43 5.20 -3.03
N LEU A 164 26.84 5.37 -1.85
CA LEU A 164 25.60 6.12 -1.69
C LEU A 164 25.95 7.58 -1.42
N ARG A 165 25.48 8.47 -2.31
CA ARG A 165 25.70 9.90 -2.15
C ARG A 165 24.38 10.54 -1.71
N ILE A 166 24.40 11.13 -0.52
CA ILE A 166 23.26 11.84 0.03
C ILE A 166 23.52 13.34 -0.08
N PHE A 167 22.47 14.09 -0.42
CA PHE A 167 22.55 15.54 -0.53
C PHE A 167 21.71 16.17 0.57
N PRO A 168 22.23 16.30 1.82
CA PRO A 168 21.44 16.83 2.93
C PRO A 168 21.05 18.28 2.65
N GLU A 169 19.74 18.56 2.82
CA GLU A 169 19.15 19.83 2.45
C GLU A 169 19.83 20.97 3.21
N GLY A 170 20.30 21.97 2.47
CA GLY A 170 20.84 23.21 3.03
C GLY A 170 22.30 23.08 3.46
N LYS A 171 22.76 21.84 3.66
CA LYS A 171 24.10 21.55 4.13
C LYS A 171 25.06 21.77 2.95
N ALA A 172 26.34 22.04 3.26
CA ALA A 172 27.35 22.28 2.23
C ALA A 172 27.48 21.04 1.34
N GLN A 173 28.69 20.44 1.30
CA GLN A 173 28.97 19.28 0.45
C GLN A 173 27.95 18.17 0.67
N PHE A 174 27.96 17.19 -0.24
CA PHE A 174 27.22 15.95 -0.10
C PHE A 174 27.99 15.01 0.84
N ALA A 175 27.35 13.88 1.18
CA ALA A 175 27.95 12.86 2.01
C ALA A 175 28.05 11.55 1.24
N ASP A 176 29.28 11.07 1.04
CA ASP A 176 29.54 9.80 0.38
C ASP A 176 29.66 8.71 1.44
N ILE A 177 28.89 7.62 1.25
CA ILE A 177 28.84 6.54 2.21
C ILE A 177 29.09 5.22 1.49
N GLU A 178 30.22 4.59 1.83
CA GLU A 178 30.60 3.31 1.27
C GLU A 178 29.66 2.23 1.82
N PRO A 179 29.22 1.26 0.97
CA PRO A 179 28.39 0.15 1.44
C PRO A 179 29.23 -0.88 2.19
N LYS A 180 29.98 -0.38 3.18
CA LYS A 180 30.96 -1.13 3.93
C LYS A 180 30.28 -2.26 4.71
N PHE A 181 30.94 -3.42 4.75
CA PHE A 181 30.50 -4.57 5.52
C PHE A 181 30.12 -4.15 6.95
N ASP A 182 28.93 -4.59 7.39
CA ASP A 182 28.47 -4.50 8.77
C ASP A 182 28.26 -3.03 9.17
N ARG A 183 28.00 -2.18 8.17
CA ARG A 183 27.71 -0.77 8.40
C ARG A 183 26.19 -0.57 8.44
N LEU A 184 25.76 0.21 9.43
CA LEU A 184 24.36 0.58 9.61
C LEU A 184 24.22 2.09 9.42
N LEU A 185 23.20 2.48 8.66
CA LEU A 185 23.00 3.88 8.29
C LEU A 185 21.56 4.29 8.61
N PHE A 186 21.42 5.50 9.15
CA PHE A 186 20.12 6.13 9.38
C PHE A 186 20.10 7.48 8.68
N PHE A 187 18.95 7.81 8.07
CA PHE A 187 18.72 9.16 7.55
C PHE A 187 17.22 9.45 7.47
N TRP A 188 16.87 10.74 7.48
CA TRP A 188 15.48 11.16 7.28
C TRP A 188 15.02 10.72 5.90
N SER A 189 13.77 10.25 5.82
CA SER A 189 13.23 9.67 4.61
C SER A 189 12.67 10.73 3.66
N ASP A 190 12.40 11.93 4.19
CA ASP A 190 11.66 12.96 3.47
C ASP A 190 12.60 13.71 2.52
N ARG A 191 12.14 14.89 2.05
CA ARG A 191 12.77 15.67 1.01
C ARG A 191 14.14 16.20 1.43
N ARG A 192 14.48 16.06 2.72
CA ARG A 192 15.72 16.57 3.27
C ARG A 192 16.92 15.76 2.77
N ASN A 193 16.67 14.53 2.31
CA ASN A 193 17.76 13.64 1.95
C ASN A 193 17.55 13.01 0.58
N PRO A 194 17.65 13.78 -0.54
CA PRO A 194 17.75 13.18 -1.87
C PRO A 194 19.06 12.40 -1.90
N HIS A 195 19.04 11.22 -2.50
CA HIS A 195 20.20 10.36 -2.53
C HIS A 195 20.20 9.53 -3.81
N GLU A 196 21.41 9.13 -4.23
CA GLU A 196 21.59 8.28 -5.40
C GLU A 196 22.63 7.21 -5.07
N VAL A 197 22.51 6.05 -5.74
CA VAL A 197 23.51 5.01 -5.62
C VAL A 197 24.37 5.01 -6.89
N GLN A 198 25.67 5.26 -6.70
CA GLN A 198 26.64 5.30 -7.78
C GLN A 198 26.85 3.89 -8.33
N PRO A 199 27.26 3.74 -9.62
CA PRO A 199 27.38 2.41 -10.24
C PRO A 199 28.17 1.41 -9.41
N ALA A 200 27.68 0.17 -9.37
CA ALA A 200 28.35 -0.93 -8.71
C ALA A 200 29.06 -1.81 -9.75
N TYR A 201 30.32 -2.16 -9.46
CA TYR A 201 31.11 -2.99 -10.37
C TYR A 201 31.43 -4.33 -9.72
N ALA A 202 30.70 -4.62 -8.62
CA ALA A 202 30.60 -5.94 -8.03
C ALA A 202 29.21 -6.03 -7.40
N THR A 203 28.79 -7.26 -7.08
CA THR A 203 27.46 -7.45 -6.50
C THR A 203 27.39 -6.74 -5.15
N ARG A 204 26.32 -5.94 -4.99
CA ARG A 204 26.14 -5.07 -3.84
C ARG A 204 24.76 -5.34 -3.24
N TYR A 205 24.75 -5.81 -1.98
CA TYR A 205 23.52 -6.10 -1.26
C TYR A 205 23.34 -5.09 -0.13
N ALA A 206 22.07 -4.70 0.09
CA ALA A 206 21.67 -3.89 1.23
C ALA A 206 20.31 -4.37 1.74
N ILE A 207 20.09 -4.22 3.04
CA ILE A 207 18.79 -4.44 3.66
C ILE A 207 18.29 -3.13 4.25
N THR A 208 17.04 -2.77 3.95
CA THR A 208 16.47 -1.49 4.34
C THR A 208 15.14 -1.71 5.06
N VAL A 209 14.98 -1.00 6.18
CA VAL A 209 13.69 -0.88 6.84
C VAL A 209 13.38 0.62 6.91
N TRP A 210 12.10 0.96 6.76
CA TRP A 210 11.62 2.32 6.94
C TRP A 210 10.71 2.35 8.17
N TYR A 211 10.90 3.35 9.03
CA TYR A 211 10.10 3.53 10.23
C TYR A 211 8.99 4.55 9.98
N PHE A 212 7.83 4.30 10.59
CA PHE A 212 6.63 5.11 10.36
C PHE A 212 6.45 6.10 11.51
N ASP A 213 6.10 7.33 11.14
CA ASP A 213 5.59 8.32 12.08
C ASP A 213 4.08 8.16 12.18
N ALA A 214 3.57 8.13 13.42
CA ALA A 214 2.18 7.83 13.72
C ALA A 214 1.22 8.73 12.95
N ASP A 215 1.45 10.05 13.03
CA ASP A 215 0.53 11.05 12.50
C ASP A 215 0.53 11.00 10.97
N GLU A 216 1.73 10.99 10.37
CA GLU A 216 1.88 11.01 8.92
C GLU A 216 1.30 9.73 8.33
N ARG A 217 1.48 8.61 9.05
CA ARG A 217 1.03 7.30 8.59
C ARG A 217 -0.50 7.22 8.65
N ALA A 218 -1.09 7.85 9.68
CA ALA A 218 -2.52 7.83 9.90
C ALA A 218 -3.26 8.41 8.70
N ARG A 219 -2.77 9.55 8.20
CA ARG A 219 -3.43 10.25 7.10
C ARG A 219 -2.99 9.66 5.75
N ALA A 220 -1.86 8.96 5.75
CA ALA A 220 -1.39 8.28 4.55
C ALA A 220 -2.35 7.15 4.19
N LYS A 221 -2.84 6.44 5.21
CA LYS A 221 -3.80 5.36 5.01
C LYS A 221 -5.13 5.92 4.52
N VAL A 222 -5.42 7.18 4.87
CA VAL A 222 -6.66 7.85 4.49
C VAL A 222 -6.67 8.15 2.99
N LYS A 223 -5.52 8.58 2.43
CA LYS A 223 -5.53 9.06 1.05
C LYS A 223 -4.86 8.10 0.05
N TYR A 224 -3.96 7.22 0.51
CA TYR A 224 -3.20 6.40 -0.43
C TYR A 224 -3.64 4.94 -0.34
N LEU A 225 -3.45 4.20 -1.45
CA LEU A 225 -3.69 2.77 -1.47
C LEU A 225 -2.48 2.08 -0.84
N THR A 226 -2.29 2.37 0.46
CA THR A 226 -1.22 1.79 1.25
C THR A 226 -1.87 1.01 2.40
N GLY A 227 -1.07 0.20 3.08
CA GLY A 227 -1.56 -0.64 4.17
C GLY A 227 -2.08 -1.98 3.67
N GLU A 228 -2.82 -2.66 4.54
CA GLU A 228 -3.33 -4.00 4.31
C GLU A 228 -4.30 -3.99 3.12
N LYS A 229 -5.02 -2.87 2.98
CA LYS A 229 -5.96 -2.68 1.88
C LYS A 229 -5.22 -2.54 0.55
N GLY A 230 -3.92 -2.25 0.62
CA GLY A 230 -3.11 -2.06 -0.56
C GLY A 230 -2.68 -3.37 -1.21
N VAL A 231 -3.04 -4.50 -0.59
CA VAL A 231 -2.62 -5.82 -1.02
C VAL A 231 -3.62 -6.38 -2.03
N ARG A 232 -3.11 -6.95 -3.12
CA ARG A 232 -3.91 -7.60 -4.15
C ARG A 232 -4.35 -8.99 -3.68
N VAL A 233 -5.59 -9.36 -4.03
CA VAL A 233 -6.11 -10.71 -3.85
C VAL A 233 -6.27 -11.32 -5.24
N GLU A 234 -6.41 -12.65 -5.30
CA GLU A 234 -6.29 -13.39 -6.55
C GLU A 234 -7.59 -13.24 -7.36
N LEU B 9 -30.80 -15.19 -17.57
CA LEU B 9 -29.59 -14.33 -17.70
C LEU B 9 -28.50 -14.82 -16.75
N PRO B 10 -27.71 -15.85 -17.13
CA PRO B 10 -26.54 -16.28 -16.35
C PRO B 10 -25.44 -15.22 -16.27
N ALA B 11 -24.35 -15.56 -15.57
CA ALA B 11 -23.23 -14.65 -15.33
C ALA B 11 -22.49 -14.36 -16.63
N LEU B 12 -22.32 -15.40 -17.46
CA LEU B 12 -21.57 -15.30 -18.72
C LEU B 12 -22.30 -14.34 -19.67
N LYS B 13 -23.61 -14.52 -19.80
CA LYS B 13 -24.41 -13.69 -20.69
C LYS B 13 -24.41 -12.25 -20.20
N LEU B 14 -24.63 -12.06 -18.89
CA LEU B 14 -24.73 -10.73 -18.31
C LEU B 14 -23.44 -9.96 -18.51
N ALA B 15 -22.31 -10.67 -18.41
CA ALA B 15 -20.99 -10.08 -18.57
C ALA B 15 -20.80 -9.59 -20.00
N LEU B 16 -20.99 -10.51 -20.97
CA LEU B 16 -20.65 -10.27 -22.37
C LEU B 16 -21.71 -9.41 -23.05
N GLU B 17 -22.99 -9.68 -22.76
CA GLU B 17 -24.07 -9.10 -23.53
C GLU B 17 -24.51 -7.76 -22.95
N TYR B 18 -24.17 -7.51 -21.68
CA TYR B 18 -24.65 -6.30 -21.02
C TYR B 18 -23.48 -5.46 -20.51
N ILE B 19 -22.68 -6.02 -19.59
CA ILE B 19 -21.69 -5.26 -18.84
C ILE B 19 -20.59 -4.75 -19.78
N VAL B 20 -20.06 -5.65 -20.63
CA VAL B 20 -18.94 -5.31 -21.51
C VAL B 20 -19.33 -4.12 -22.39
N PRO B 21 -20.36 -4.22 -23.26
CA PRO B 21 -20.68 -3.13 -24.18
C PRO B 21 -21.05 -1.84 -23.45
N CYS B 22 -21.68 -1.99 -22.27
CA CYS B 22 -22.13 -0.87 -21.47
C CYS B 22 -20.93 -0.08 -20.94
N MET B 23 -19.87 -0.81 -20.54
CA MET B 23 -18.68 -0.21 -19.98
C MET B 23 -17.85 0.44 -21.09
N ASN B 24 -17.80 -0.21 -22.26
CA ASN B 24 -16.99 0.28 -23.37
C ASN B 24 -17.65 1.52 -23.98
N LYS B 25 -18.96 1.68 -23.75
CA LYS B 25 -19.71 2.76 -24.35
C LYS B 25 -19.80 3.95 -23.39
N HIS B 26 -20.06 3.68 -22.10
CA HIS B 26 -20.38 4.73 -21.15
C HIS B 26 -19.38 4.80 -20.00
N GLY B 27 -18.69 3.69 -19.74
CA GLY B 27 -17.77 3.60 -18.62
C GLY B 27 -18.50 3.49 -17.29
N ILE B 28 -19.82 3.21 -17.36
CA ILE B 28 -20.67 3.01 -16.20
C ILE B 28 -21.67 1.92 -16.56
N CYS B 29 -21.94 1.02 -15.60
CA CYS B 29 -22.93 -0.02 -15.81
C CYS B 29 -23.66 -0.33 -14.51
N VAL B 30 -25.00 -0.38 -14.59
CA VAL B 30 -25.85 -0.65 -13.44
C VAL B 30 -26.53 -2.02 -13.63
N VAL B 31 -26.43 -2.87 -12.61
CA VAL B 31 -27.07 -4.17 -12.59
C VAL B 31 -27.98 -4.24 -11.36
N ASP B 32 -29.30 -4.20 -11.60
CA ASP B 32 -30.29 -4.22 -10.54
C ASP B 32 -30.59 -5.66 -10.14
N ASP B 33 -31.06 -5.82 -8.89
CA ASP B 33 -31.54 -7.09 -8.35
C ASP B 33 -30.49 -8.18 -8.58
N PHE B 34 -29.26 -7.93 -8.11
CA PHE B 34 -28.12 -8.76 -8.42
C PHE B 34 -28.22 -10.13 -7.77
N LEU B 35 -28.54 -10.17 -6.47
CA LEU B 35 -28.43 -11.40 -5.69
C LEU B 35 -29.78 -11.83 -5.12
N GLY B 36 -30.79 -10.96 -5.20
CA GLY B 36 -32.11 -11.26 -4.66
C GLY B 36 -32.25 -10.79 -3.21
N LYS B 37 -33.51 -10.64 -2.77
CA LYS B 37 -33.87 -10.03 -1.50
C LYS B 37 -33.20 -10.74 -0.32
N GLU B 38 -33.28 -12.08 -0.32
CA GLU B 38 -32.86 -12.88 0.82
C GLU B 38 -31.36 -12.71 1.03
N THR B 39 -30.60 -12.74 -0.07
CA THR B 39 -29.15 -12.66 -0.03
C THR B 39 -28.74 -11.24 0.37
N GLY B 40 -29.43 -10.25 -0.17
CA GLY B 40 -29.16 -8.84 0.10
C GLY B 40 -29.36 -8.49 1.57
N GLN B 41 -30.41 -9.07 2.18
CA GLN B 41 -30.76 -8.82 3.57
C GLN B 41 -29.76 -9.50 4.49
N GLN B 42 -29.26 -10.67 4.07
CA GLN B 42 -28.21 -11.41 4.77
C GLN B 42 -26.96 -10.54 4.87
N ILE B 43 -26.61 -9.90 3.73
CA ILE B 43 -25.46 -9.02 3.65
C ILE B 43 -25.66 -7.82 4.58
N GLY B 44 -26.89 -7.29 4.60
CA GLY B 44 -27.26 -6.20 5.50
C GLY B 44 -26.96 -6.52 6.96
N ASP B 45 -27.30 -7.74 7.37
CA ASP B 45 -27.15 -8.18 8.75
C ASP B 45 -25.68 -8.35 9.09
N GLU B 46 -24.91 -8.90 8.14
CA GLU B 46 -23.49 -9.11 8.31
C GLU B 46 -22.79 -7.76 8.46
N VAL B 47 -23.21 -6.80 7.63
CA VAL B 47 -22.60 -5.48 7.57
C VAL B 47 -22.94 -4.69 8.85
N ARG B 48 -24.19 -4.79 9.32
CA ARG B 48 -24.57 -4.13 10.56
C ARG B 48 -23.85 -4.76 11.74
N ALA B 49 -23.54 -6.06 11.64
CA ALA B 49 -22.87 -6.80 12.70
C ALA B 49 -21.40 -6.39 12.81
N LEU B 50 -20.86 -5.79 11.75
CA LEU B 50 -19.46 -5.38 11.74
C LEU B 50 -19.23 -4.26 12.75
N HIS B 51 -20.31 -3.53 13.08
CA HIS B 51 -20.25 -2.48 14.08
C HIS B 51 -19.85 -3.05 15.43
N ASP B 52 -20.45 -4.19 15.81
CA ASP B 52 -20.33 -4.75 17.14
C ASP B 52 -18.95 -5.35 17.40
N THR B 53 -18.14 -5.48 16.34
CA THR B 53 -16.77 -5.95 16.47
C THR B 53 -15.85 -4.74 16.63
N GLY B 54 -16.42 -3.54 16.40
CA GLY B 54 -15.67 -2.29 16.44
C GLY B 54 -14.70 -2.19 15.26
N LYS B 55 -15.11 -2.77 14.12
CA LYS B 55 -14.29 -2.85 12.92
C LYS B 55 -14.23 -1.49 12.23
N PHE B 56 -15.32 -0.71 12.35
CA PHE B 56 -15.43 0.59 11.71
C PHE B 56 -14.56 1.61 12.42
N THR B 57 -13.68 2.27 11.65
CA THR B 57 -12.78 3.29 12.17
C THR B 57 -13.29 4.67 11.76
N GLY B 74 -17.36 11.65 10.19
CA GLY B 74 -18.34 11.40 9.10
C GLY B 74 -18.41 9.92 8.75
N ASP B 75 -17.94 9.60 7.55
CA ASP B 75 -18.01 8.25 6.99
C ASP B 75 -17.02 7.34 7.70
N LYS B 76 -17.45 6.10 7.95
CA LYS B 76 -16.66 5.07 8.61
C LYS B 76 -16.46 3.91 7.63
N ILE B 77 -15.25 3.34 7.61
CA ILE B 77 -14.95 2.25 6.70
C ILE B 77 -14.30 1.09 7.44
N THR B 78 -14.38 -0.10 6.83
CA THR B 78 -13.68 -1.29 7.28
C THR B 78 -13.37 -2.15 6.05
N TRP B 79 -12.29 -2.95 6.12
CA TRP B 79 -11.91 -3.80 5.02
C TRP B 79 -12.13 -5.26 5.38
N ILE B 80 -12.79 -5.99 4.47
CA ILE B 80 -13.23 -7.37 4.69
C ILE B 80 -12.66 -8.24 3.57
N GLU B 81 -12.10 -9.40 3.98
CA GLU B 81 -11.49 -10.33 3.05
C GLU B 81 -12.55 -11.30 2.50
N GLY B 82 -13.56 -11.60 3.32
CA GLY B 82 -14.69 -12.43 2.93
C GLY B 82 -14.67 -13.79 3.61
N LYS B 83 -13.55 -14.12 4.27
CA LYS B 83 -13.35 -15.43 4.87
C LYS B 83 -13.68 -15.37 6.36
N GLU B 84 -13.76 -14.15 6.90
CA GLU B 84 -13.99 -13.90 8.32
C GLU B 84 -15.30 -14.55 8.76
N PRO B 85 -15.35 -15.11 10.00
CA PRO B 85 -16.61 -15.56 10.60
C PRO B 85 -17.61 -14.42 10.66
N GLY B 86 -18.83 -14.68 10.18
CA GLY B 86 -19.91 -13.71 10.17
C GLY B 86 -19.89 -12.80 8.94
N CYS B 87 -19.06 -13.16 7.95
CA CYS B 87 -18.87 -12.34 6.76
C CYS B 87 -18.98 -13.18 5.48
N GLU B 88 -19.57 -14.37 5.60
CA GLU B 88 -19.54 -15.36 4.53
C GLU B 88 -20.42 -14.93 3.35
N THR B 89 -21.53 -14.24 3.65
CA THR B 89 -22.44 -13.80 2.62
C THR B 89 -21.78 -12.68 1.80
N ILE B 90 -20.96 -11.87 2.47
CA ILE B 90 -20.17 -10.84 1.82
C ILE B 90 -19.19 -11.53 0.87
N GLY B 91 -18.61 -12.64 1.32
CA GLY B 91 -17.71 -13.45 0.51
C GLY B 91 -18.40 -13.99 -0.74
N LEU B 92 -19.68 -14.35 -0.61
CA LEU B 92 -20.51 -14.82 -1.70
C LEU B 92 -20.63 -13.71 -2.74
N LEU B 93 -20.93 -12.49 -2.27
CA LEU B 93 -21.07 -11.32 -3.11
C LEU B 93 -19.78 -11.09 -3.89
N MET B 94 -18.66 -11.21 -3.18
CA MET B 94 -17.34 -10.95 -3.71
C MET B 94 -17.02 -12.00 -4.78
N SER B 95 -17.41 -13.24 -4.52
CA SER B 95 -17.28 -14.36 -5.46
C SER B 95 -18.07 -14.09 -6.73
N SER B 96 -19.29 -13.57 -6.57
CA SER B 96 -20.18 -13.32 -7.69
C SER B 96 -19.62 -12.20 -8.56
N MET B 97 -19.16 -11.12 -7.91
CA MET B 97 -18.47 -10.01 -8.55
C MET B 97 -17.33 -10.53 -9.40
N ASP B 98 -16.50 -11.40 -8.81
CA ASP B 98 -15.33 -11.96 -9.44
C ASP B 98 -15.72 -12.73 -10.70
N ASP B 99 -16.83 -13.48 -10.61
CA ASP B 99 -17.32 -14.25 -11.74
C ASP B 99 -17.56 -13.35 -12.95
N LEU B 100 -18.32 -12.26 -12.75
CA LEU B 100 -18.67 -11.38 -13.84
C LEU B 100 -17.40 -10.85 -14.51
N ILE B 101 -16.44 -10.42 -13.68
CA ILE B 101 -15.17 -9.88 -14.16
C ILE B 101 -14.45 -10.96 -14.96
N ARG B 102 -14.47 -12.20 -14.45
CA ARG B 102 -13.77 -13.32 -15.06
C ARG B 102 -14.32 -13.56 -16.47
N HIS B 103 -15.65 -13.47 -16.59
CA HIS B 103 -16.34 -13.75 -17.84
C HIS B 103 -16.15 -12.61 -18.85
N CYS B 104 -15.77 -11.43 -18.35
CA CYS B 104 -15.51 -10.27 -19.20
C CYS B 104 -14.14 -10.42 -19.86
N ASN B 105 -13.20 -10.98 -19.09
CA ASN B 105 -11.75 -10.84 -19.28
C ASN B 105 -11.36 -10.62 -20.73
N GLY B 106 -10.65 -9.50 -20.95
CA GLY B 106 -10.04 -9.17 -22.22
C GLY B 106 -10.89 -8.21 -23.05
N LYS B 107 -12.08 -7.88 -22.53
CA LYS B 107 -13.05 -7.12 -23.30
C LYS B 107 -13.36 -5.77 -22.64
N LEU B 108 -13.04 -5.65 -21.34
CA LEU B 108 -13.08 -4.37 -20.65
C LEU B 108 -11.85 -3.57 -21.04
N GLY B 109 -12.04 -2.60 -21.95
CA GLY B 109 -10.95 -1.80 -22.49
C GLY B 109 -9.82 -2.67 -23.01
N SER B 110 -8.58 -2.27 -22.70
CA SER B 110 -7.42 -3.10 -22.98
C SER B 110 -6.81 -3.56 -21.67
N TYR B 111 -7.64 -3.60 -20.61
CA TYR B 111 -7.19 -3.99 -19.29
C TYR B 111 -7.09 -5.52 -19.21
N LYS B 112 -6.15 -5.99 -18.38
CA LYS B 112 -6.04 -7.40 -18.05
C LYS B 112 -6.09 -7.55 -16.53
N ILE B 113 -7.27 -7.93 -16.02
CA ILE B 113 -7.50 -8.01 -14.58
C ILE B 113 -6.86 -9.28 -14.02
N ASN B 114 -5.90 -9.09 -13.12
CA ASN B 114 -5.14 -10.19 -12.53
C ASN B 114 -5.42 -10.26 -11.04
N GLY B 115 -6.23 -9.33 -10.52
CA GLY B 115 -6.58 -9.34 -9.12
C GLY B 115 -7.42 -8.13 -8.72
N ARG B 116 -7.69 -8.04 -7.40
CA ARG B 116 -8.55 -7.02 -6.85
C ARG B 116 -8.09 -6.68 -5.43
N THR B 117 -8.69 -5.62 -4.87
CA THR B 117 -8.54 -5.29 -3.47
C THR B 117 -9.47 -6.20 -2.67
N LYS B 118 -9.35 -6.14 -1.34
CA LYS B 118 -10.39 -6.66 -0.47
C LYS B 118 -11.59 -5.72 -0.54
N ALA B 119 -12.73 -6.17 0.00
CA ALA B 119 -13.95 -5.39 -0.01
C ALA B 119 -13.85 -4.29 1.04
N MET B 120 -14.14 -3.05 0.63
CA MET B 120 -14.25 -1.93 1.55
C MET B 120 -15.72 -1.72 1.86
N VAL B 121 -16.07 -1.87 3.14
CA VAL B 121 -17.43 -1.62 3.61
C VAL B 121 -17.49 -0.19 4.13
N ALA B 122 -18.39 0.61 3.55
CA ALA B 122 -18.54 2.00 3.97
C ALA B 122 -19.89 2.19 4.65
N CYS B 123 -19.87 2.98 5.73
CA CYS B 123 -21.07 3.44 6.39
C CYS B 123 -21.09 4.97 6.42
N TYR B 124 -22.17 5.54 5.88
CA TYR B 124 -22.46 6.95 6.01
C TYR B 124 -23.55 7.11 7.06
N PRO B 125 -23.22 7.65 8.26
CA PRO B 125 -24.12 7.59 9.41
C PRO B 125 -25.53 8.12 9.14
N GLY B 126 -25.64 9.18 8.34
CA GLY B 126 -26.95 9.66 7.92
C GLY B 126 -27.38 10.92 8.67
N ASN B 127 -26.42 11.82 8.88
CA ASN B 127 -26.65 13.11 9.49
C ASN B 127 -26.18 14.19 8.51
N GLY B 128 -26.51 13.99 7.22
CA GLY B 128 -26.13 14.89 6.16
C GLY B 128 -24.72 14.63 5.64
N THR B 129 -24.17 13.46 5.99
CA THR B 129 -22.80 13.13 5.62
C THR B 129 -22.79 12.48 4.23
N GLY B 130 -22.01 13.09 3.32
CA GLY B 130 -21.77 12.54 2.01
C GLY B 130 -20.27 12.29 1.80
N TYR B 131 -19.80 12.53 0.58
CA TYR B 131 -18.40 12.38 0.23
C TYR B 131 -18.07 13.31 -0.93
N VAL B 132 -17.00 14.11 -0.77
CA VAL B 132 -16.63 15.13 -1.73
C VAL B 132 -16.25 14.48 -3.06
N ARG B 133 -16.34 15.28 -4.13
CA ARG B 133 -15.97 14.87 -5.47
C ARG B 133 -14.50 14.44 -5.48
N HIS B 134 -14.22 13.31 -6.13
CA HIS B 134 -12.88 12.74 -6.15
C HIS B 134 -12.79 11.74 -7.31
N VAL B 135 -11.55 11.40 -7.67
CA VAL B 135 -11.25 10.29 -8.55
C VAL B 135 -10.63 9.18 -7.69
N ASP B 136 -11.15 7.96 -7.81
CA ASP B 136 -10.65 6.81 -7.06
C ASP B 136 -9.15 6.63 -7.28
N ASN B 137 -8.76 6.52 -8.55
CA ASN B 137 -7.37 6.25 -8.91
C ASN B 137 -6.86 7.36 -9.83
N PRO B 138 -6.46 8.54 -9.28
CA PRO B 138 -5.97 9.64 -10.11
C PRO B 138 -4.53 9.51 -10.58
N ASN B 139 -3.72 8.68 -9.90
CA ASN B 139 -2.28 8.70 -10.11
C ASN B 139 -1.76 7.31 -10.49
N GLY B 140 -2.67 6.39 -10.83
CA GLY B 140 -2.29 5.09 -11.36
C GLY B 140 -1.72 4.14 -10.31
N ASP B 141 -2.57 3.67 -9.40
CA ASP B 141 -2.15 2.71 -8.38
C ASP B 141 -2.51 1.28 -8.79
N GLY B 142 -3.03 1.13 -10.01
CA GLY B 142 -3.28 -0.19 -10.57
C GLY B 142 -4.76 -0.47 -10.80
N ARG B 143 -5.62 0.23 -10.05
CA ARG B 143 -7.06 -0.02 -10.05
C ARG B 143 -7.68 0.55 -11.31
N CYS B 144 -8.44 -0.29 -12.04
CA CYS B 144 -9.02 0.10 -13.32
C CYS B 144 -10.55 0.08 -13.28
N VAL B 145 -11.14 -0.82 -12.49
CA VAL B 145 -12.59 -0.90 -12.37
C VAL B 145 -13.02 -0.83 -10.91
N THR B 146 -14.00 0.04 -10.64
CA THR B 146 -14.66 0.13 -9.34
C THR B 146 -15.98 -0.64 -9.40
N CYS B 147 -16.23 -1.44 -8.35
CA CYS B 147 -17.41 -2.27 -8.27
C CYS B 147 -18.10 -2.06 -6.92
N ILE B 148 -19.32 -1.52 -6.95
CA ILE B 148 -20.03 -1.15 -5.72
C ILE B 148 -21.35 -1.92 -5.64
N TYR B 149 -21.60 -2.50 -4.46
CA TYR B 149 -22.87 -3.12 -4.14
C TYR B 149 -23.56 -2.32 -3.03
N TYR B 150 -24.84 -2.01 -3.24
CA TYR B 150 -25.64 -1.31 -2.24
C TYR B 150 -26.62 -2.28 -1.59
N LEU B 151 -26.81 -2.13 -0.28
CA LEU B 151 -27.59 -3.09 0.49
C LEU B 151 -28.66 -2.39 1.33
N ASN B 152 -29.06 -1.19 0.89
CA ASN B 152 -29.93 -0.34 1.70
C ASN B 152 -31.39 -0.68 1.39
N LYS B 153 -31.98 -1.51 2.26
CA LYS B 153 -33.33 -2.04 2.12
C LYS B 153 -34.34 -0.89 2.17
N ASP B 154 -35.26 -0.87 1.20
CA ASP B 154 -36.33 0.10 1.07
C ASP B 154 -35.79 1.53 1.08
N TRP B 155 -34.63 1.73 0.46
CA TRP B 155 -34.05 3.06 0.34
C TRP B 155 -34.90 3.90 -0.62
N ASP B 156 -35.21 5.13 -0.19
CA ASP B 156 -35.90 6.10 -1.02
C ASP B 156 -35.08 7.40 -1.03
N ALA B 157 -34.47 7.68 -2.19
CA ALA B 157 -33.52 8.78 -2.33
C ALA B 157 -34.26 10.12 -2.29
N LYS B 158 -35.58 10.09 -2.46
CA LYS B 158 -36.43 11.26 -2.27
C LYS B 158 -36.37 11.73 -0.81
N VAL B 159 -36.21 10.78 0.11
CA VAL B 159 -36.28 11.04 1.53
C VAL B 159 -34.87 11.02 2.15
N SER B 160 -34.05 10.05 1.73
CA SER B 160 -32.84 9.70 2.45
C SER B 160 -31.59 10.18 1.71
N GLY B 161 -31.77 10.69 0.49
CA GLY B 161 -30.67 11.18 -0.33
C GLY B 161 -29.65 10.09 -0.65
N GLY B 162 -28.37 10.45 -0.53
CA GLY B 162 -27.28 9.49 -0.65
C GLY B 162 -26.97 9.09 -2.09
N ILE B 163 -27.46 9.89 -3.04
CA ILE B 163 -27.26 9.64 -4.46
C ILE B 163 -25.78 9.78 -4.78
N LEU B 164 -25.26 8.82 -5.57
CA LEU B 164 -23.94 8.95 -6.17
C LEU B 164 -24.08 9.66 -7.51
N ARG B 165 -23.39 10.79 -7.65
CA ARG B 165 -23.36 11.53 -8.90
C ARG B 165 -21.98 11.34 -9.55
N ILE B 166 -21.98 10.74 -10.74
CA ILE B 166 -20.77 10.52 -11.52
C ILE B 166 -20.76 11.52 -12.67
N PHE B 167 -19.57 12.05 -12.96
CA PHE B 167 -19.39 12.99 -14.05
C PHE B 167 -18.56 12.34 -15.15
N PRO B 168 -19.16 11.52 -16.05
CA PRO B 168 -18.40 10.81 -17.08
C PRO B 168 -17.73 11.83 -18.02
N GLU B 169 -16.43 11.64 -18.24
CA GLU B 169 -15.59 12.59 -18.97
C GLU B 169 -16.12 12.74 -20.40
N GLY B 170 -16.36 13.99 -20.80
CA GLY B 170 -16.73 14.31 -22.17
C GLY B 170 -18.22 14.14 -22.44
N LYS B 171 -18.89 13.29 -21.65
CA LYS B 171 -20.32 13.05 -21.80
C LYS B 171 -21.11 14.29 -21.38
N ALA B 172 -22.36 14.39 -21.87
CA ALA B 172 -23.26 15.48 -21.54
C ALA B 172 -23.51 15.51 -20.04
N GLN B 173 -24.79 15.39 -19.62
CA GLN B 173 -25.09 15.50 -18.20
C GLN B 173 -24.39 14.43 -17.36
N PHE B 174 -24.46 14.62 -16.04
CA PHE B 174 -23.97 13.66 -15.06
C PHE B 174 -24.98 12.52 -14.93
N ALA B 175 -24.57 11.46 -14.22
CA ALA B 175 -25.42 10.32 -13.95
C ALA B 175 -25.67 10.21 -12.44
N ASP B 176 -26.94 10.28 -12.05
CA ASP B 176 -27.33 10.10 -10.66
C ASP B 176 -27.72 8.65 -10.43
N ILE B 177 -27.11 8.03 -9.40
CA ILE B 177 -27.35 6.63 -9.13
C ILE B 177 -27.75 6.48 -7.66
N GLU B 178 -28.99 6.01 -7.47
CA GLU B 178 -29.54 5.76 -6.14
C GLU B 178 -28.85 4.55 -5.53
N PRO B 179 -28.52 4.58 -4.22
CA PRO B 179 -27.92 3.44 -3.54
C PRO B 179 -28.98 2.39 -3.22
N LYS B 180 -29.70 1.99 -4.28
CA LYS B 180 -30.85 1.09 -4.22
C LYS B 180 -30.40 -0.28 -3.73
N PHE B 181 -31.26 -0.91 -2.91
CA PHE B 181 -31.07 -2.26 -2.42
C PHE B 181 -30.75 -3.22 -3.56
N ASP B 182 -29.70 -4.01 -3.39
CA ASP B 182 -29.32 -5.12 -4.26
C ASP B 182 -28.91 -4.61 -5.65
N ARG B 183 -28.45 -3.34 -5.71
CA ARG B 183 -27.92 -2.77 -6.93
C ARG B 183 -26.40 -2.93 -6.98
N LEU B 184 -25.91 -3.34 -8.15
CA LEU B 184 -24.49 -3.49 -8.41
C LEU B 184 -24.07 -2.49 -9.47
N LEU B 185 -22.94 -1.81 -9.24
CA LEU B 185 -22.49 -0.73 -10.10
C LEU B 185 -21.02 -0.95 -10.47
N PHE B 186 -20.72 -0.74 -11.76
CA PHE B 186 -19.36 -0.76 -12.28
C PHE B 186 -19.06 0.59 -12.93
N PHE B 187 -17.82 1.07 -12.76
CA PHE B 187 -17.33 2.23 -13.50
C PHE B 187 -15.80 2.22 -13.55
N TRP B 188 -15.23 2.90 -14.55
CA TRP B 188 -13.79 3.09 -14.64
C TRP B 188 -13.30 3.87 -13.43
N SER B 189 -12.13 3.48 -12.91
CA SER B 189 -11.62 4.01 -11.64
C SER B 189 -10.81 5.28 -11.86
N ASP B 190 -10.35 5.51 -13.10
CA ASP B 190 -9.43 6.58 -13.42
C ASP B 190 -10.17 7.92 -13.55
N ARG B 191 -9.49 8.90 -14.16
CA ARG B 191 -9.92 10.29 -14.22
C ARG B 191 -11.22 10.46 -15.01
N ARG B 192 -11.66 9.41 -15.72
CA ARG B 192 -12.84 9.46 -16.56
C ARG B 192 -14.12 9.58 -15.73
N ASN B 193 -14.05 9.20 -14.45
CA ASN B 193 -15.24 9.16 -13.61
C ASN B 193 -15.01 9.85 -12.27
N PRO B 194 -14.90 11.20 -12.23
CA PRO B 194 -15.01 11.92 -10.96
C PRO B 194 -16.43 11.69 -10.44
N HIS B 195 -16.55 11.50 -9.13
CA HIS B 195 -17.84 11.22 -8.52
C HIS B 195 -17.87 11.77 -7.10
N GLU B 196 -19.09 12.06 -6.64
CA GLU B 196 -19.33 12.52 -5.29
C GLU B 196 -20.57 11.81 -4.73
N VAL B 197 -20.62 11.66 -3.40
CA VAL B 197 -21.80 11.12 -2.75
C VAL B 197 -22.55 12.28 -2.08
N GLN B 198 -23.81 12.45 -2.48
CA GLN B 198 -24.67 13.49 -1.94
C GLN B 198 -25.07 13.13 -0.51
N PRO B 199 -25.39 14.13 0.34
CA PRO B 199 -25.67 13.90 1.76
C PRO B 199 -26.69 12.79 2.01
N ALA B 200 -26.40 11.96 3.02
CA ALA B 200 -27.29 10.88 3.42
C ALA B 200 -28.05 11.28 4.68
N TYR B 201 -29.38 11.07 4.67
CA TYR B 201 -30.23 11.45 5.79
C TYR B 201 -30.81 10.20 6.46
N ALA B 202 -30.22 9.06 6.10
CA ALA B 202 -30.39 7.79 6.79
C ALA B 202 -29.09 7.02 6.60
N THR B 203 -28.89 5.98 7.43
CA THR B 203 -27.67 5.19 7.37
C THR B 203 -27.58 4.50 6.01
N ARG B 204 -26.43 4.70 5.36
CA ARG B 204 -26.16 4.24 4.01
C ARG B 204 -24.91 3.36 4.03
N TYR B 205 -25.06 2.11 3.59
CA TYR B 205 -23.96 1.17 3.50
C TYR B 205 -23.67 0.83 2.04
N ALA B 206 -22.40 0.64 1.74
CA ALA B 206 -21.96 0.16 0.43
C ALA B 206 -20.75 -0.75 0.61
N ILE B 207 -20.59 -1.72 -0.29
CA ILE B 207 -19.40 -2.56 -0.34
C ILE B 207 -18.73 -2.33 -1.69
N THR B 208 -17.42 -2.08 -1.67
CA THR B 208 -16.67 -1.75 -2.86
C THR B 208 -15.44 -2.67 -2.99
N VAL B 209 -15.24 -3.16 -4.22
CA VAL B 209 -14.00 -3.81 -4.63
C VAL B 209 -13.46 -3.09 -5.86
N TRP B 210 -12.14 -2.93 -5.89
CA TRP B 210 -11.46 -2.39 -7.05
C TRP B 210 -10.66 -3.50 -7.73
N TYR B 211 -10.74 -3.56 -9.06
CA TYR B 211 -10.00 -4.55 -9.83
C TYR B 211 -8.73 -3.93 -10.38
N PHE B 212 -7.66 -4.74 -10.43
CA PHE B 212 -6.35 -4.29 -10.85
C PHE B 212 -6.09 -4.65 -12.31
N ASP B 213 -5.49 -3.71 -13.03
CA ASP B 213 -4.90 -3.99 -14.33
C ASP B 213 -3.45 -4.43 -14.11
N ALA B 214 -3.10 -5.59 -14.67
CA ALA B 214 -1.80 -6.23 -14.50
C ALA B 214 -0.67 -5.24 -14.72
N ASP B 215 -0.73 -4.50 -15.83
CA ASP B 215 0.36 -3.65 -16.30
C ASP B 215 0.52 -2.44 -15.39
N GLU B 216 -0.57 -1.69 -15.17
CA GLU B 216 -0.53 -0.50 -14.36
C GLU B 216 -0.10 -0.84 -12.94
N ARG B 217 -0.46 -2.06 -12.49
CA ARG B 217 -0.18 -2.51 -11.14
C ARG B 217 1.33 -2.71 -10.96
N ALA B 218 1.98 -3.26 -11.99
CA ALA B 218 3.43 -3.44 -11.99
C ALA B 218 4.12 -2.09 -11.77
N ARG B 219 3.74 -1.09 -12.57
CA ARG B 219 4.33 0.24 -12.50
C ARG B 219 4.06 0.85 -11.11
N ALA B 220 2.88 0.55 -10.55
CA ALA B 220 2.47 1.07 -9.26
C ALA B 220 3.31 0.48 -8.14
N LYS B 221 3.58 -0.83 -8.25
CA LYS B 221 4.32 -1.58 -7.25
C LYS B 221 5.76 -1.09 -7.20
N VAL B 222 6.23 -0.52 -8.33
CA VAL B 222 7.59 -0.05 -8.48
C VAL B 222 7.70 1.36 -7.88
N LYS B 223 6.60 2.12 -7.95
CA LYS B 223 6.67 3.54 -7.65
C LYS B 223 6.16 3.83 -6.24
N TYR B 224 5.17 3.07 -5.78
CA TYR B 224 4.38 3.46 -4.61
C TYR B 224 4.52 2.44 -3.49
N LEU B 225 4.37 2.91 -2.24
CA LEU B 225 4.32 2.05 -1.08
C LEU B 225 2.96 1.34 -1.06
N THR B 226 2.79 0.41 -2.02
CA THR B 226 1.56 -0.35 -2.20
C THR B 226 1.93 -1.83 -2.25
N GLY B 227 0.94 -2.70 -2.03
CA GLY B 227 1.18 -4.13 -1.98
C GLY B 227 1.66 -4.58 -0.60
N GLU B 228 2.26 -5.77 -0.55
CA GLU B 228 2.72 -6.38 0.70
C GLU B 228 3.71 -5.44 1.40
N LYS B 229 4.53 -4.73 0.61
CA LYS B 229 5.56 -3.84 1.12
C LYS B 229 4.95 -2.64 1.85
N GLY B 230 3.66 -2.37 1.59
CA GLY B 230 3.00 -1.20 2.14
C GLY B 230 2.32 -1.46 3.49
N VAL B 231 2.50 -2.67 4.03
CA VAL B 231 1.88 -3.10 5.27
C VAL B 231 2.80 -2.78 6.45
N ARG B 232 2.27 -2.09 7.46
CA ARG B 232 3.02 -1.72 8.66
C ARG B 232 3.15 -2.92 9.59
N VAL B 233 4.35 -3.07 10.18
CA VAL B 233 4.60 -4.09 11.18
C VAL B 233 4.80 -3.39 12.54
N GLU B 234 4.33 -4.05 13.61
CA GLU B 234 4.48 -3.57 14.98
C GLU B 234 5.96 -3.52 15.35
N LEU B 235 6.31 -2.56 16.21
CA LEU B 235 7.65 -2.36 16.76
C LEU B 235 8.71 -2.31 15.65
FE FE2 C . 16.44 5.47 -1.33
F F D . -1.44 -1.13 8.04
C1 A1L0W E . 14.76 2.18 -3.34
C2 A1L0W E . 16.31 0.58 -3.93
C3 A1L0W E . 17.02 2.44 -2.77
C4 A1L0W E . 15.74 2.90 -2.75
C5 A1L0W E . 16.60 -0.71 -4.62
C6 A1L0W E . 18.14 3.21 -2.12
C10 A1L0W E . 12.38 1.55 -3.95
C9 A1L0W E . 13.33 2.62 -3.36
C11 A1L0W E . 11.00 1.63 -3.36
C12 A1L0W E . 10.71 1.03 -2.15
N3 A1L0W E . 19.26 2.51 -1.89
C7 A1L0W E . 20.35 3.06 -1.14
C13 A1L0W E . 9.44 1.11 -1.59
C15 A1L0W E . 8.71 2.41 -3.47
C16 A1L0W E . 9.99 2.32 -4.02
N2 A1L0W E . 17.33 1.25 -3.36
N1 A1L0W E . 15.05 1.01 -3.93
C14 A1L0W E . 8.48 1.79 -2.28
O3 A1L0W E . 22.57 2.59 -0.46
O4 A1L0W E . 21.27 0.88 -1.09
C8 A1L0W E . 21.49 2.10 -0.87
O1 A1L0W E . 15.37 4.07 -2.17
O2 A1L0W E . 17.98 4.37 -1.77
F1 A1L0W E . 7.23 1.87 -1.74
FE FE2 F . -15.01 6.67 -5.03
F F G . 0.84 -7.42 -3.78
C1 A1L0W H . -13.88 6.23 -0.87
C2 A1L0W H . -15.70 6.07 0.53
C3 A1L0W H . -16.07 6.35 -1.73
C4 A1L0W H . -14.72 6.36 -1.95
C5 A1L0W H . -16.22 5.90 1.91
C6 A1L0W H . -17.07 6.47 -2.85
C10 A1L0W H . -11.67 5.59 0.23
C9 A1L0W H . -12.38 6.25 -0.98
C11 A1L0W H . -10.32 5.06 -0.18
C12 A1L0W H . -10.17 3.76 -0.67
N3 A1L0W H . -18.27 5.98 -2.55
C7 A1L0W H . -19.31 5.86 -3.55
C13 A1L0W H . -8.93 3.27 -1.06
C15 A1L0W H . -7.93 5.38 -0.50
C16 A1L0W H . -9.17 5.86 -0.10
N2 A1L0W H . -16.58 6.18 -0.47
N1 A1L0W H . -14.37 6.09 0.36
C14 A1L0W H . -7.85 4.11 -0.97
O3 A1L0W H . -20.66 4.96 -1.84
O4 A1L0W H . -21.62 5.41 -3.81
C8 A1L0W H . -20.64 5.37 -3.02
O1 A1L0W H . -14.15 6.51 -3.17
O2 A1L0W H . -16.77 6.91 -3.96
F1 A1L0W H . -6.64 3.63 -1.34
#